data_7BFU
#
_entry.id   7BFU
#
_cell.length_a   52.860
_cell.length_b   67.710
_cell.length_c   75.710
_cell.angle_alpha   90.000
_cell.angle_beta   90.000
_cell.angle_gamma   90.000
#
_symmetry.space_group_name_H-M   'P 21 21 21'
#
loop_
_entity.id
_entity.type
_entity.pdbx_description
1 polymer Esterase
2 non-polymer ETHANOL
3 water water
#
_entity_poly.entity_id   1
_entity_poly.type   'polypeptide(L)'
_entity_poly.pdbx_seq_one_letter_code
;GAEVGRLRYPPEMPGAEVKVYKKVDNVDLKLYIYKPADWKPADRRSAIVFFFGGGWQSGSPAQFRPQCEYFAGRGMVAMA
ADYRVGSRHNVKVADCVADAKSAIRWVRQHAAELGVDPQKIVASGG(SGB)AGGHLAACTVMVPDLEAPEEDHTISSQAN
AAILFNPVLILSREGLKDHVPRQDWEERLRERLGTEPKAVSPYHHIRAGLPPMIIFHGTADNTVPFETIRLFAEAMKKAG
NRCELVPFEGAAHGFFNFGRGDNLAYQKTLELADEFLVEIGFLAPKGESQP
;
_entity_poly.pdbx_strand_id   A
#
loop_
_chem_comp.id
_chem_comp.type
_chem_comp.name
_chem_comp.formula
EOH non-polymer ETHANOL 'C2 H6 O'
#
# COMPACT_ATOMS: atom_id res chain seq x y z
N LEU A 7 -6.96 -5.40 -16.70
CA LEU A 7 -5.80 -6.04 -16.09
C LEU A 7 -5.79 -7.55 -16.32
N ARG A 8 -4.59 -8.11 -16.46
CA ARG A 8 -4.40 -9.53 -16.61
C ARG A 8 -3.51 -10.06 -15.49
N TYR A 9 -3.71 -11.32 -15.13
CA TYR A 9 -2.79 -12.00 -14.25
C TYR A 9 -2.51 -13.37 -14.86
N PRO A 10 -1.23 -13.76 -15.02
CA PRO A 10 -0.03 -13.03 -14.60
C PRO A 10 0.19 -11.71 -15.35
N PRO A 11 0.87 -10.74 -14.73
CA PRO A 11 1.04 -9.43 -15.37
C PRO A 11 2.21 -9.44 -16.34
N GLU A 12 2.17 -8.50 -17.28
CA GLU A 12 3.34 -8.20 -18.09
C GLU A 12 3.91 -6.85 -17.65
N MET A 13 5.19 -6.84 -17.33
CA MET A 13 5.88 -5.69 -16.72
C MET A 13 7.12 -5.42 -17.54
N PRO A 14 6.95 -4.96 -18.78
CA PRO A 14 8.11 -4.69 -19.65
C PRO A 14 9.06 -3.71 -19.00
N GLY A 15 10.35 -4.03 -19.05
CA GLY A 15 11.39 -3.15 -18.56
C GLY A 15 11.65 -3.22 -17.08
N ALA A 16 10.79 -3.90 -16.32
CA ALA A 16 11.03 -4.04 -14.89
C ALA A 16 12.03 -5.16 -14.65
N GLU A 17 12.85 -4.96 -13.63
CA GLU A 17 13.69 -6.04 -13.12
C GLU A 17 12.89 -6.88 -12.15
N VAL A 18 12.88 -8.19 -12.35
CA VAL A 18 12.10 -9.11 -11.54
C VAL A 18 13.01 -9.69 -10.46
N LYS A 19 12.59 -9.56 -9.20
CA LYS A 19 13.26 -10.20 -8.08
C LYS A 19 12.25 -10.99 -7.27
N VAL A 20 12.60 -12.19 -6.87
CA VAL A 20 11.78 -12.96 -5.95
C VAL A 20 12.04 -12.46 -4.52
N TYR A 21 11.02 -11.93 -3.88
CA TYR A 21 11.22 -11.38 -2.55
C TYR A 21 10.80 -12.34 -1.45
N LYS A 22 10.10 -13.42 -1.80
CA LYS A 22 9.59 -14.35 -0.79
C LYS A 22 9.27 -15.68 -1.45
N LYS A 23 9.71 -16.76 -0.82
CA LYS A 23 9.35 -18.10 -1.23
C LYS A 23 8.50 -18.70 -0.12
N VAL A 24 7.25 -19.03 -0.43
CA VAL A 24 6.35 -19.56 0.58
C VAL A 24 5.38 -20.50 -0.11
N ASP A 25 5.32 -21.75 0.37
CA ASP A 25 4.40 -22.76 -0.15
C ASP A 25 4.66 -23.01 -1.64
N ASN A 26 5.93 -23.14 -2.01
CA ASN A 26 6.39 -23.36 -3.38
C ASN A 26 6.00 -22.24 -4.34
N VAL A 27 5.52 -21.11 -3.83
CA VAL A 27 5.20 -19.94 -4.64
C VAL A 27 6.37 -18.96 -4.54
N ASP A 28 6.87 -18.50 -5.69
CA ASP A 28 7.90 -17.47 -5.77
C ASP A 28 7.20 -16.14 -5.99
N LEU A 29 7.09 -15.33 -4.94
CA LEU A 29 6.44 -14.04 -5.04
C LEU A 29 7.45 -13.01 -5.56
N LYS A 30 7.04 -12.27 -6.59
CA LYS A 30 7.96 -11.39 -7.28
C LYS A 30 7.71 -9.93 -6.93
N LEU A 31 8.77 -9.14 -6.98
CA LEU A 31 8.71 -7.69 -7.07
C LEU A 31 9.12 -7.29 -8.47
N TYR A 32 8.46 -6.29 -9.01
CA TYR A 32 8.77 -5.76 -10.34
C TYR A 32 9.35 -4.38 -10.14
N ILE A 33 10.64 -4.20 -10.44
CA ILE A 33 11.39 -3.04 -9.99
C ILE A 33 11.70 -2.14 -11.17
N TYR A 34 11.34 -0.86 -11.02
CA TYR A 34 11.58 0.18 -12.01
C TYR A 34 12.64 1.11 -11.47
N LYS A 35 13.80 1.08 -12.07
CA LYS A 35 14.86 1.94 -11.58
C LYS A 35 14.89 3.26 -12.33
N PRO A 36 15.34 4.33 -11.66
CA PRO A 36 15.43 5.64 -12.33
C PRO A 36 16.61 5.70 -13.29
N ALA A 37 16.55 6.70 -14.16
CA ALA A 37 17.74 7.07 -14.92
C ALA A 37 18.90 7.37 -13.99
N ASP A 38 20.11 7.00 -14.43
CA ASP A 38 21.36 7.27 -13.69
C ASP A 38 21.42 6.56 -12.35
N TRP A 39 20.66 5.47 -12.18
CA TRP A 39 20.68 4.71 -10.95
C TRP A 39 22.03 4.03 -10.75
N LYS A 40 22.51 4.02 -9.51
CA LYS A 40 23.67 3.21 -9.14
C LYS A 40 23.43 2.57 -7.79
N PRO A 41 24.05 1.39 -7.55
CA PRO A 41 23.85 0.71 -6.25
C PRO A 41 24.18 1.56 -5.03
N ALA A 42 25.15 2.47 -5.13
CA ALA A 42 25.54 3.29 -3.99
C ALA A 42 24.59 4.45 -3.71
N ASP A 43 23.62 4.69 -4.60
CA ASP A 43 22.58 5.68 -4.35
C ASP A 43 21.85 5.38 -3.04
N ARG A 44 21.17 6.40 -2.54
CA ARG A 44 20.32 6.29 -1.35
CA ARG A 44 20.33 6.29 -1.35
C ARG A 44 18.99 6.96 -1.65
N ARG A 45 18.29 6.39 -2.64
CA ARG A 45 17.04 6.95 -3.12
C ARG A 45 15.88 6.52 -2.23
N SER A 46 14.79 7.27 -2.34
CA SER A 46 13.55 6.80 -1.76
CA SER A 46 13.53 6.81 -1.78
C SER A 46 12.98 5.68 -2.63
N ALA A 47 12.17 4.83 -2.02
CA ALA A 47 11.59 3.70 -2.74
C ALA A 47 10.09 3.71 -2.47
N ILE A 48 9.34 3.17 -3.41
CA ILE A 48 7.90 3.01 -3.19
C ILE A 48 7.49 1.61 -3.65
N VAL A 49 6.69 0.94 -2.82
CA VAL A 49 6.25 -0.44 -3.07
C VAL A 49 4.72 -0.40 -3.15
N PHE A 50 4.18 -0.70 -4.33
CA PHE A 50 2.73 -0.68 -4.58
C PHE A 50 2.14 -2.07 -4.41
N PHE A 51 1.01 -2.15 -3.69
CA PHE A 51 0.24 -3.38 -3.54
C PHE A 51 -1.11 -3.24 -4.25
N PHE A 52 -1.36 -4.13 -5.19
CA PHE A 52 -2.58 -4.02 -5.99
C PHE A 52 -3.83 -4.29 -5.15
N GLY A 53 -4.97 -3.84 -5.66
CA GLY A 53 -6.25 -4.10 -5.03
C GLY A 53 -6.92 -5.32 -5.66
N GLY A 54 -7.97 -5.78 -5.02
CA GLY A 54 -8.67 -6.98 -5.47
C GLY A 54 -9.28 -7.77 -4.34
N GLY A 55 -9.60 -7.08 -3.25
CA GLY A 55 -10.35 -7.72 -2.19
C GLY A 55 -9.63 -8.86 -1.48
N TRP A 56 -8.29 -8.86 -1.52
CA TRP A 56 -7.48 -9.98 -1.02
C TRP A 56 -7.82 -11.28 -1.74
N GLN A 57 -8.48 -11.21 -2.88
CA GLN A 57 -8.91 -12.39 -3.64
C GLN A 57 -8.33 -12.43 -5.04
N SER A 58 -8.18 -11.29 -5.69
CA SER A 58 -7.68 -11.25 -7.06
C SER A 58 -6.87 -9.97 -7.24
N GLY A 59 -6.70 -9.54 -8.48
CA GLY A 59 -5.97 -8.32 -8.79
C GLY A 59 -4.68 -8.62 -9.52
N SER A 60 -3.96 -7.54 -9.83
CA SER A 60 -2.69 -7.73 -10.55
C SER A 60 -1.66 -6.65 -10.29
N PRO A 61 -0.37 -7.00 -10.21
CA PRO A 61 0.68 -5.97 -10.09
C PRO A 61 0.68 -4.97 -11.24
N ALA A 62 0.10 -5.32 -12.39
CA ALA A 62 0.02 -4.38 -13.49
C ALA A 62 -0.81 -3.15 -13.14
N GLN A 63 -1.65 -3.25 -12.09
CA GLN A 63 -2.51 -2.13 -11.75
C GLN A 63 -1.72 -0.84 -11.51
N PHE A 64 -0.60 -0.91 -10.78
CA PHE A 64 0.18 0.27 -10.45
C PHE A 64 1.41 0.41 -11.33
N ARG A 65 1.45 -0.33 -12.44
CA ARG A 65 2.53 -0.14 -13.41
C ARG A 65 2.66 1.31 -13.88
N PRO A 66 1.58 2.01 -14.26
CA PRO A 66 1.75 3.43 -14.62
C PRO A 66 2.38 4.27 -13.52
N GLN A 67 1.95 4.06 -12.26
CA GLN A 67 2.48 4.87 -11.17
C GLN A 67 3.95 4.53 -10.91
N CYS A 68 4.34 3.27 -11.09
CA CYS A 68 5.74 2.89 -10.98
C CYS A 68 6.60 3.68 -11.95
N GLU A 69 6.15 3.75 -13.20
CA GLU A 69 6.93 4.44 -14.22
C GLU A 69 7.01 5.93 -13.91
N TYR A 70 5.93 6.52 -13.40
CA TYR A 70 5.97 7.91 -13.01
C TYR A 70 7.02 8.16 -11.92
N PHE A 71 6.98 7.37 -10.85
CA PHE A 71 7.87 7.68 -9.73
C PHE A 71 9.30 7.29 -10.01
N ALA A 72 9.54 6.27 -10.86
CA ALA A 72 10.90 6.01 -11.30
C ALA A 72 11.42 7.17 -12.15
N GLY A 73 10.56 7.76 -12.97
CA GLY A 73 10.94 8.94 -13.71
C GLY A 73 11.29 10.12 -12.84
N ARG A 74 10.78 10.16 -11.61
CA ARG A 74 11.07 11.22 -10.65
C ARG A 74 12.26 10.89 -9.75
N GLY A 75 12.93 9.76 -9.96
CA GLY A 75 14.14 9.45 -9.24
C GLY A 75 14.00 8.44 -8.12
N MET A 76 12.83 7.84 -7.94
CA MET A 76 12.58 6.80 -6.95
C MET A 76 12.87 5.42 -7.54
N VAL A 77 13.19 4.46 -6.67
CA VAL A 77 13.14 3.06 -7.05
C VAL A 77 11.70 2.62 -6.78
N ALA A 78 10.94 2.38 -7.84
CA ALA A 78 9.51 2.10 -7.72
C ALA A 78 9.24 0.64 -8.02
N MET A 79 8.37 0.01 -7.23
CA MET A 79 8.16 -1.40 -7.50
C MET A 79 6.72 -1.82 -7.20
N ALA A 80 6.26 -2.82 -7.96
CA ALA A 80 4.94 -3.44 -7.77
C ALA A 80 5.14 -4.84 -7.22
N ALA A 81 4.56 -5.13 -6.07
CA ALA A 81 4.73 -6.44 -5.45
C ALA A 81 3.56 -7.35 -5.82
N ASP A 82 3.88 -8.59 -6.18
CA ASP A 82 2.88 -9.64 -6.15
C ASP A 82 2.73 -10.14 -4.71
N TYR A 83 1.53 -10.61 -4.38
CA TYR A 83 1.32 -11.25 -3.08
C TYR A 83 0.21 -12.28 -3.24
N ARG A 84 0.11 -13.19 -2.27
CA ARG A 84 -0.87 -14.27 -2.41
C ARG A 84 -2.29 -13.76 -2.20
N VAL A 85 -3.22 -14.30 -2.98
CA VAL A 85 -4.61 -13.90 -2.88
C VAL A 85 -5.50 -15.14 -2.91
N GLY A 86 -6.68 -14.98 -2.33
CA GLY A 86 -7.56 -16.11 -2.07
C GLY A 86 -8.00 -16.89 -3.30
N SER A 87 -8.15 -16.24 -4.47
CA SER A 87 -8.64 -17.00 -5.61
C SER A 87 -7.54 -17.85 -6.22
N ARG A 88 -6.28 -17.59 -5.85
CA ARG A 88 -5.16 -18.31 -6.41
C ARG A 88 -4.46 -19.22 -5.41
N HIS A 89 -4.52 -18.88 -4.12
CA HIS A 89 -3.75 -19.52 -3.07
C HIS A 89 -4.68 -19.72 -1.89
N ASN A 90 -4.38 -20.71 -1.07
CA ASN A 90 -5.24 -20.96 0.09
C ASN A 90 -4.75 -20.04 1.22
N VAL A 91 -5.14 -18.77 1.12
CA VAL A 91 -4.69 -17.73 2.03
C VAL A 91 -5.89 -16.95 2.55
N LYS A 92 -5.66 -16.27 3.68
CA LYS A 92 -6.59 -15.33 4.27
C LYS A 92 -5.92 -13.95 4.36
N VAL A 93 -6.71 -12.94 4.76
CA VAL A 93 -6.16 -11.57 4.82
C VAL A 93 -4.84 -11.52 5.59
N ALA A 94 -4.74 -12.23 6.72
CA ALA A 94 -3.53 -12.19 7.53
C ALA A 94 -2.31 -12.68 6.76
N ASP A 95 -2.51 -13.62 5.83
CA ASP A 95 -1.38 -14.08 5.01
C ASP A 95 -0.95 -12.99 4.03
N CYS A 96 -1.92 -12.28 3.45
CA CYS A 96 -1.59 -11.14 2.59
C CYS A 96 -0.77 -10.11 3.35
N VAL A 97 -1.12 -9.85 4.61
CA VAL A 97 -0.36 -8.90 5.42
C VAL A 97 1.08 -9.39 5.59
N ALA A 98 1.25 -10.67 5.89
CA ALA A 98 2.59 -11.25 6.00
C ALA A 98 3.39 -11.01 4.74
N ASP A 99 2.77 -11.22 3.57
CA ASP A 99 3.48 -11.00 2.31
C ASP A 99 3.84 -9.53 2.14
N ALA A 100 2.90 -8.62 2.42
CA ALA A 100 3.22 -7.20 2.31
C ALA A 100 4.40 -6.83 3.21
N LYS A 101 4.39 -7.33 4.44
CA LYS A 101 5.49 -7.03 5.35
C LYS A 101 6.79 -7.65 4.85
N SER A 102 6.69 -8.85 4.25
CA SER A 102 7.89 -9.47 3.69
C SER A 102 8.51 -8.60 2.61
N ALA A 103 7.66 -7.94 1.80
CA ALA A 103 8.15 -7.10 0.71
C ALA A 103 8.89 -5.88 1.25
N ILE A 104 8.30 -5.20 2.24
CA ILE A 104 9.00 -4.04 2.82
C ILE A 104 10.31 -4.49 3.49
N ARG A 105 10.26 -5.60 4.23
CA ARG A 105 11.48 -6.05 4.89
C ARG A 105 12.55 -6.40 3.85
N TRP A 106 12.13 -7.02 2.74
CA TRP A 106 13.09 -7.42 1.70
C TRP A 106 13.75 -6.19 1.07
N VAL A 107 12.95 -5.16 0.77
CA VAL A 107 13.51 -3.92 0.24
C VAL A 107 14.53 -3.32 1.22
N ARG A 108 14.16 -3.25 2.51
CA ARG A 108 15.08 -2.69 3.49
C ARG A 108 16.33 -3.55 3.59
N GLN A 109 16.14 -4.87 3.62
CA GLN A 109 17.27 -5.78 3.74
C GLN A 109 18.22 -5.64 2.56
N HIS A 110 17.67 -5.39 1.37
CA HIS A 110 18.48 -5.29 0.15
C HIS A 110 18.70 -3.85 -0.26
N ALA A 111 18.59 -2.92 0.69
CA ALA A 111 18.62 -1.50 0.35
C ALA A 111 19.93 -1.14 -0.33
N ALA A 112 21.05 -1.72 0.14
CA ALA A 112 22.34 -1.36 -0.43
C ALA A 112 22.45 -1.81 -1.87
N GLU A 113 21.91 -2.99 -2.21
CA GLU A 113 22.00 -3.40 -3.60
C GLU A 113 20.95 -2.73 -4.48
N LEU A 114 19.90 -2.16 -3.88
CA LEU A 114 18.84 -1.46 -4.59
C LEU A 114 19.09 0.04 -4.76
N GLY A 115 20.17 0.58 -4.19
CA GLY A 115 20.38 2.02 -4.22
C GLY A 115 19.33 2.82 -3.46
N VAL A 116 18.87 2.29 -2.34
CA VAL A 116 17.74 2.83 -1.59
C VAL A 116 18.19 3.21 -0.17
N ASP A 117 17.66 4.35 0.32
CA ASP A 117 17.75 4.71 1.73
C ASP A 117 16.80 3.86 2.55
N PRO A 118 17.28 3.03 3.50
CA PRO A 118 16.35 2.17 4.24
C PRO A 118 15.36 2.92 5.12
N GLN A 119 15.49 4.24 5.25
CA GLN A 119 14.55 5.07 5.99
CA GLN A 119 14.53 5.05 5.99
C GLN A 119 13.60 5.83 5.08
N LYS A 120 13.66 5.61 3.77
CA LYS A 120 12.77 6.30 2.84
C LYS A 120 11.97 5.31 1.99
N ILE A 121 11.40 4.28 2.63
CA ILE A 121 10.64 3.25 1.93
C ILE A 121 9.16 3.55 2.11
N VAL A 122 8.48 3.84 1.00
CA VAL A 122 7.06 4.20 1.00
C VAL A 122 6.23 2.96 0.65
N ALA A 123 5.19 2.69 1.45
CA ALA A 123 4.24 1.64 1.08
C ALA A 123 2.99 2.29 0.49
N SER A 124 2.48 1.72 -0.60
CA SER A 124 1.32 2.29 -1.27
C SER A 124 0.40 1.18 -1.80
N GLY A 125 -0.87 1.52 -2.02
CA GLY A 125 -1.75 0.52 -2.62
C GLY A 125 -3.16 1.06 -2.72
N GLY A 126 -3.99 0.29 -3.42
CA GLY A 126 -5.40 0.62 -3.63
C GLY A 126 -6.33 -0.39 -2.97
N SGB A 127 -7.38 0.10 -2.32
CA SGB A 127 -8.40 -0.75 -1.73
C SGB A 127 -7.75 -1.88 -0.78
O SGB A 127 -7.13 -1.47 0.24
CB SGB A 127 -9.23 -1.35 -2.86
OG SGB A 127 -10.32 -2.10 -2.41
O1 SGB A 127 -9.54 -4.47 -3.06
P1 SGB A 127 -10.66 -3.51 -3.09
C1 SGB A 127 -11.16 -3.11 -4.72
O2 SGB A 127 -12.06 -3.91 -2.43
C2 SGB A 127 -12.31 -4.82 -1.42
C4 SGB A 127 -12.63 -4.08 -0.15
C3 SGB A 127 -13.53 -5.66 -1.84
N ALA A 128 -7.85 -3.17 -1.10
CA ALA A 128 -7.17 -4.18 -0.27
C ALA A 128 -5.66 -3.94 -0.21
N GLY A 129 -5.08 -3.47 -1.31
CA GLY A 129 -3.66 -3.17 -1.30
C GLY A 129 -3.33 -1.92 -0.50
N GLY A 130 -4.27 -0.98 -0.42
CA GLY A 130 -4.10 0.15 0.49
C GLY A 130 -4.21 -0.29 1.94
N HIS A 131 -5.10 -1.26 2.21
CA HIS A 131 -5.13 -1.89 3.52
C HIS A 131 -3.78 -2.52 3.86
N LEU A 132 -3.21 -3.26 2.91
CA LEU A 132 -1.92 -3.89 3.19
C LEU A 132 -0.83 -2.84 3.43
N ALA A 133 -0.81 -1.77 2.63
CA ALA A 133 0.17 -0.71 2.86
C ALA A 133 0.04 -0.13 4.27
N ALA A 134 -1.21 0.16 4.69
CA ALA A 134 -1.46 0.64 6.04
C ALA A 134 -1.01 -0.37 7.08
N CYS A 135 -1.20 -1.66 6.80
CA CYS A 135 -0.72 -2.65 7.75
C CYS A 135 0.80 -2.56 7.92
N THR A 136 1.53 -2.31 6.84
CA THR A 136 2.99 -2.23 6.94
C THR A 136 3.46 -1.01 7.71
N VAL A 137 2.61 -0.01 7.92
CA VAL A 137 3.04 1.12 8.74
C VAL A 137 2.54 1.05 10.17
N MET A 138 1.40 0.38 10.42
CA MET A 138 0.86 0.45 11.78
C MET A 138 0.29 -0.81 12.42
N VAL A 139 0.07 -1.91 11.70
CA VAL A 139 -0.55 -3.10 12.30
C VAL A 139 0.58 -3.99 12.82
N PRO A 140 0.62 -4.31 14.11
CA PRO A 140 1.74 -5.08 14.64
C PRO A 140 1.66 -6.53 14.20
N ASP A 141 2.83 -7.18 14.21
CA ASP A 141 2.94 -8.62 14.08
C ASP A 141 2.52 -9.10 12.69
N LEU A 142 1.95 -10.31 12.60
CA LEU A 142 1.57 -10.92 11.32
C LEU A 142 2.77 -11.03 10.38
N GLU A 143 3.97 -11.20 10.94
CA GLU A 143 5.18 -11.32 10.14
C GLU A 143 5.41 -12.78 9.75
N ALA A 144 6.12 -12.98 8.64
CA ALA A 144 6.53 -14.33 8.29
C ALA A 144 7.36 -14.94 9.41
N PRO A 145 7.01 -16.12 9.91
CA PRO A 145 7.66 -16.61 11.13
C PRO A 145 9.14 -16.87 10.98
N GLU A 146 9.63 -17.15 9.78
CA GLU A 146 11.04 -17.49 9.62
C GLU A 146 11.90 -16.33 9.15
N GLU A 147 11.34 -15.14 9.00
CA GLU A 147 12.13 -13.97 8.60
C GLU A 147 12.90 -13.37 9.80
N ASP A 148 13.82 -12.45 9.48
CA ASP A 148 14.62 -11.75 10.49
C ASP A 148 13.82 -10.56 11.01
N HIS A 149 13.16 -10.73 12.16
CA HIS A 149 12.34 -9.66 12.67
C HIS A 149 13.16 -8.48 13.21
N THR A 150 14.49 -8.61 13.32
CA THR A 150 15.29 -7.45 13.68
C THR A 150 15.53 -6.52 12.48
N ILE A 151 15.13 -6.94 11.28
CA ILE A 151 14.99 -6.03 10.15
C ILE A 151 13.54 -5.57 10.12
N SER A 152 13.31 -4.28 10.37
CA SER A 152 11.95 -3.79 10.45
C SER A 152 11.21 -3.96 9.12
N SER A 153 9.94 -4.39 9.19
CA SER A 153 9.07 -4.41 8.02
C SER A 153 8.17 -3.19 7.97
N GLN A 154 8.39 -2.20 8.83
CA GLN A 154 7.53 -1.02 8.83
C GLN A 154 8.00 -0.01 7.77
N ALA A 155 7.09 0.42 6.89
CA ALA A 155 7.43 1.44 5.91
C ALA A 155 7.60 2.80 6.61
N ASN A 156 8.30 3.72 5.94
CA ASN A 156 8.57 5.04 6.50
C ASN A 156 7.54 6.09 6.10
N ALA A 157 6.61 5.74 5.22
CA ALA A 157 5.50 6.59 4.82
C ALA A 157 4.50 5.73 4.05
N ALA A 158 3.30 6.26 3.88
CA ALA A 158 2.30 5.53 3.11
C ALA A 158 1.50 6.48 2.22
N ILE A 159 1.14 5.99 1.04
CA ILE A 159 0.27 6.68 0.10
C ILE A 159 -0.87 5.71 -0.24
N LEU A 160 -2.09 6.03 0.20
CA LEU A 160 -3.19 5.07 0.16
C LEU A 160 -4.26 5.53 -0.84
N PHE A 161 -4.68 4.62 -1.72
CA PHE A 161 -5.74 4.91 -2.68
C PHE A 161 -6.98 4.11 -2.28
N ASN A 162 -8.09 4.84 -1.96
CA ASN A 162 -9.27 4.36 -1.24
C ASN A 162 -9.03 3.04 -0.51
N PRO A 163 -8.24 3.08 0.57
CA PRO A 163 -7.94 1.88 1.33
C PRO A 163 -9.13 1.40 2.13
N VAL A 164 -9.07 0.13 2.54
CA VAL A 164 -9.90 -0.40 3.62
C VAL A 164 -9.13 -0.25 4.94
N LEU A 165 -9.70 0.46 5.92
CA LEU A 165 -8.95 0.72 7.14
C LEU A 165 -9.66 0.23 8.38
N ILE A 166 -10.94 -0.10 8.31
CA ILE A 166 -11.69 -0.64 9.44
C ILE A 166 -12.22 -2.02 9.03
N LEU A 167 -11.76 -3.06 9.72
CA LEU A 167 -12.23 -4.43 9.47
C LEU A 167 -12.94 -5.03 10.67
N SER A 168 -13.07 -4.30 11.77
CA SER A 168 -13.86 -4.72 12.91
C SER A 168 -14.79 -3.59 13.32
N ARG A 169 -15.93 -3.92 13.92
CA ARG A 169 -16.85 -2.90 14.39
C ARG A 169 -16.89 -2.77 15.92
N GLU A 170 -15.84 -3.19 16.62
CA GLU A 170 -15.94 -3.22 18.08
C GLU A 170 -15.41 -1.92 18.66
N GLY A 171 -16.17 -1.37 19.62
CA GLY A 171 -15.87 -0.08 20.21
C GLY A 171 -16.15 1.06 19.25
N LEU A 172 -16.60 0.71 18.05
CA LEU A 172 -16.51 1.62 16.93
C LEU A 172 -17.78 2.44 16.80
N LYS A 173 -17.67 3.56 16.10
CA LYS A 173 -18.63 4.64 16.23
C LYS A 173 -19.71 4.60 15.18
N ASP A 174 -20.91 4.28 15.67
CA ASP A 174 -22.19 4.31 15.01
C ASP A 174 -22.25 3.17 14.00
N HIS A 175 -23.23 3.22 13.11
CA HIS A 175 -23.51 2.11 12.23
C HIS A 175 -22.46 2.04 11.12
N VAL A 176 -22.20 0.81 10.67
CA VAL A 176 -21.32 0.56 9.53
C VAL A 176 -22.08 -0.40 8.62
N PRO A 177 -22.49 0.03 7.43
CA PRO A 177 -23.46 -0.75 6.64
C PRO A 177 -22.89 -2.08 6.16
N ARG A 178 -23.78 -2.89 5.60
CA ARG A 178 -23.45 -4.26 5.18
C ARG A 178 -22.98 -4.22 3.73
N GLN A 179 -21.69 -4.40 3.52
CA GLN A 179 -21.11 -4.48 2.18
C GLN A 179 -20.89 -5.94 1.81
N ASP A 180 -21.30 -6.30 0.59
CA ASP A 180 -21.28 -7.70 0.15
C ASP A 180 -19.87 -8.27 0.11
N TRP A 181 -18.83 -7.43 0.13
CA TRP A 181 -17.47 -7.94 0.22
C TRP A 181 -17.10 -8.39 1.63
N GLU A 182 -17.80 -7.91 2.65
CA GLU A 182 -17.73 -8.50 3.99
C GLU A 182 -18.69 -9.70 4.07
N GLU A 183 -18.48 -10.66 3.16
CA GLU A 183 -19.40 -11.79 2.98
C GLU A 183 -19.22 -12.83 4.08
N ARG A 184 -19.13 -12.38 5.33
CA ARG A 184 -18.49 -13.14 6.41
C ARG A 184 -17.06 -13.47 6.05
N LEU A 185 -16.44 -12.60 5.25
CA LEU A 185 -14.99 -12.60 5.03
C LEU A 185 -14.26 -12.70 6.36
N ARG A 186 -14.95 -12.43 7.47
CA ARG A 186 -14.44 -12.82 8.77
C ARG A 186 -13.97 -14.27 8.75
N GLU A 187 -14.63 -15.14 7.98
CA GLU A 187 -14.11 -16.47 7.74
C GLU A 187 -12.83 -16.49 6.89
N ARG A 188 -12.52 -15.42 6.16
CA ARG A 188 -11.29 -15.38 5.39
C ARG A 188 -10.36 -14.27 5.85
N LEU A 189 -10.46 -13.86 7.13
CA LEU A 189 -9.51 -12.90 7.71
C LEU A 189 -8.26 -13.58 8.24
N GLY A 190 -8.41 -14.75 8.86
CA GLY A 190 -7.25 -15.46 9.38
C GLY A 190 -6.80 -15.00 10.76
N THR A 191 -7.46 -14.00 11.35
CA THR A 191 -7.25 -13.58 12.73
C THR A 191 -8.56 -13.04 13.27
N GLU A 192 -8.58 -12.78 14.57
CA GLU A 192 -9.62 -11.93 15.13
C GLU A 192 -9.62 -10.61 14.36
N PRO A 193 -10.79 -10.08 14.00
CA PRO A 193 -10.81 -8.94 13.04
C PRO A 193 -9.99 -7.73 13.46
N LYS A 194 -9.92 -7.38 14.75
CA LYS A 194 -9.10 -6.24 15.13
C LYS A 194 -7.64 -6.38 14.72
N ALA A 195 -7.12 -7.61 14.71
CA ALA A 195 -5.71 -7.81 14.46
C ALA A 195 -5.31 -7.47 13.03
N VAL A 196 -6.27 -7.35 12.11
CA VAL A 196 -5.97 -6.93 10.76
C VAL A 196 -6.64 -5.59 10.42
N SER A 197 -7.03 -4.82 11.44
CA SER A 197 -7.77 -3.60 11.22
C SER A 197 -6.94 -2.37 11.58
N PRO A 198 -6.41 -1.64 10.58
CA PRO A 198 -5.55 -0.49 10.89
C PRO A 198 -6.14 0.51 11.86
N TYR A 199 -7.44 0.81 11.72
CA TYR A 199 -8.10 1.72 12.65
C TYR A 199 -7.85 1.35 14.11
N HIS A 200 -7.82 0.07 14.42
CA HIS A 200 -7.69 -0.38 15.81
C HIS A 200 -6.26 -0.38 16.31
N HIS A 201 -5.32 0.10 15.50
CA HIS A 201 -3.93 0.24 15.92
C HIS A 201 -3.42 1.66 15.79
N ILE A 202 -4.32 2.64 15.73
CA ILE A 202 -3.91 4.04 15.79
C ILE A 202 -3.21 4.30 17.13
N ARG A 203 -2.08 5.02 17.07
CA ARG A 203 -1.22 5.33 18.21
C ARG A 203 -0.27 6.43 17.77
N ALA A 204 0.34 7.08 18.77
CA ALA A 204 1.31 8.12 18.48
C ALA A 204 2.55 7.54 17.81
N GLY A 205 3.27 8.40 17.10
CA GLY A 205 4.57 8.06 16.57
C GLY A 205 4.57 7.31 15.25
N LEU A 206 3.46 7.37 14.47
CA LEU A 206 3.37 6.59 13.24
C LEU A 206 3.93 7.36 12.07
N PRO A 207 4.38 6.66 11.03
CA PRO A 207 4.87 7.33 9.81
C PRO A 207 3.79 8.20 9.17
N PRO A 208 4.21 9.23 8.43
CA PRO A 208 3.23 10.11 7.76
C PRO A 208 2.58 9.42 6.58
N MET A 209 1.34 9.80 6.29
CA MET A 209 0.68 9.22 5.14
C MET A 209 -0.22 10.27 4.49
N ILE A 210 -0.60 9.98 3.26
CA ILE A 210 -1.67 10.70 2.57
C ILE A 210 -2.64 9.69 1.98
N ILE A 211 -3.92 10.04 1.95
CA ILE A 211 -5.00 9.14 1.55
C ILE A 211 -5.90 9.85 0.53
N PHE A 212 -6.21 9.17 -0.56
CA PHE A 212 -7.13 9.68 -1.58
C PHE A 212 -8.39 8.82 -1.58
N HIS A 213 -9.55 9.43 -1.41
CA HIS A 213 -10.78 8.64 -1.28
C HIS A 213 -11.95 9.41 -1.87
N GLY A 214 -12.79 8.70 -2.63
CA GLY A 214 -14.00 9.31 -3.19
C GLY A 214 -15.15 9.35 -2.19
N THR A 215 -15.85 10.49 -2.15
CA THR A 215 -16.94 10.65 -1.19
C THR A 215 -18.15 9.80 -1.55
N ALA A 216 -18.29 9.37 -2.79
CA ALA A 216 -19.38 8.51 -3.21
C ALA A 216 -18.96 7.05 -3.32
N ASP A 217 -17.89 6.66 -2.60
CA ASP A 217 -17.42 5.28 -2.62
C ASP A 217 -18.46 4.41 -1.92
N ASN A 218 -19.03 3.46 -2.67
CA ASN A 218 -20.08 2.58 -2.16
C ASN A 218 -19.53 1.22 -1.73
N THR A 219 -18.25 0.98 -1.95
CA THR A 219 -17.56 -0.22 -1.47
C THR A 219 -16.86 0.01 -0.14
N VAL A 220 -16.09 1.09 -0.02
CA VAL A 220 -15.49 1.48 1.25
C VAL A 220 -16.05 2.84 1.62
N PRO A 221 -16.95 2.92 2.60
CA PRO A 221 -17.57 4.20 2.92
C PRO A 221 -16.53 5.24 3.31
N PHE A 222 -16.65 6.42 2.71
CA PHE A 222 -15.74 7.52 3.01
C PHE A 222 -15.66 7.80 4.50
N GLU A 223 -16.78 7.65 5.21
CA GLU A 223 -16.81 8.00 6.63
C GLU A 223 -15.84 7.16 7.46
N THR A 224 -15.61 5.90 7.08
CA THR A 224 -14.63 5.12 7.84
C THR A 224 -13.23 5.73 7.71
N ILE A 225 -12.92 6.28 6.55
CA ILE A 225 -11.61 6.89 6.33
C ILE A 225 -11.52 8.23 7.03
N ARG A 226 -12.59 9.04 6.99
CA ARG A 226 -12.59 10.30 7.72
C ARG A 226 -12.37 10.08 9.21
N LEU A 227 -13.05 9.07 9.76
CA LEU A 227 -12.94 8.75 11.17
C LEU A 227 -11.52 8.29 11.51
N PHE A 228 -10.94 7.45 10.67
CA PHE A 228 -9.54 7.05 10.79
C PHE A 228 -8.61 8.26 10.82
N ALA A 229 -8.77 9.16 9.85
CA ALA A 229 -7.86 10.29 9.76
C ALA A 229 -8.00 11.22 10.96
N GLU A 230 -9.23 11.39 11.47
CA GLU A 230 -9.42 12.24 12.63
C GLU A 230 -8.70 11.68 13.86
N ALA A 231 -8.79 10.36 14.07
CA ALA A 231 -8.15 9.75 15.22
C ALA A 231 -6.64 9.76 15.07
N MET A 232 -6.14 9.62 13.84
CA MET A 232 -4.70 9.68 13.63
C MET A 232 -4.15 11.08 13.94
N LYS A 233 -4.88 12.11 13.51
CA LYS A 233 -4.46 13.49 13.81
C LYS A 233 -4.45 13.73 15.31
N LYS A 234 -5.44 13.18 16.02
CA LYS A 234 -5.49 13.36 17.46
C LYS A 234 -4.32 12.69 18.15
N ALA A 235 -3.78 11.62 17.57
CA ALA A 235 -2.58 11.00 18.11
C ALA A 235 -1.30 11.68 17.63
N GLY A 236 -1.40 12.81 16.92
CA GLY A 236 -0.24 13.58 16.54
C GLY A 236 0.34 13.20 15.20
N ASN A 237 -0.30 12.29 14.47
CA ASN A 237 0.26 11.80 13.22
C ASN A 237 -0.12 12.71 12.05
N ARG A 238 0.79 12.79 11.08
CA ARG A 238 0.47 13.43 9.80
C ARG A 238 -0.32 12.45 8.97
N CYS A 239 -1.61 12.72 8.80
CA CYS A 239 -2.49 11.82 8.05
C CYS A 239 -3.43 12.71 7.24
N GLU A 240 -3.08 12.96 5.98
CA GLU A 240 -3.85 13.87 5.15
C GLU A 240 -4.86 13.07 4.33
N LEU A 241 -6.13 13.38 4.51
CA LEU A 241 -7.19 12.76 3.73
C LEU A 241 -7.64 13.75 2.67
N VAL A 242 -7.54 13.35 1.41
CA VAL A 242 -7.95 14.21 0.30
C VAL A 242 -9.25 13.65 -0.27
N PRO A 243 -10.40 14.26 0.02
CA PRO A 243 -11.63 13.79 -0.60
C PRO A 243 -11.67 14.14 -2.08
N PHE A 244 -12.17 13.19 -2.87
CA PHE A 244 -12.47 13.43 -4.29
C PHE A 244 -13.98 13.48 -4.40
N GLU A 245 -14.50 14.70 -4.46
CA GLU A 245 -15.94 14.93 -4.33
C GLU A 245 -16.73 14.20 -5.41
N GLY A 246 -17.67 13.37 -4.97
CA GLY A 246 -18.54 12.65 -5.87
C GLY A 246 -17.92 11.46 -6.56
N ALA A 247 -16.67 11.15 -6.27
CA ALA A 247 -15.98 10.07 -6.96
C ALA A 247 -16.33 8.72 -6.33
N ALA A 248 -16.24 7.69 -7.16
CA ALA A 248 -16.59 6.31 -6.80
C ALA A 248 -15.33 5.50 -6.53
N HIS A 249 -15.53 4.32 -5.95
CA HIS A 249 -14.44 3.39 -5.72
C HIS A 249 -13.64 3.19 -7.01
N GLY A 250 -12.32 3.29 -6.89
CA GLY A 250 -11.44 3.06 -8.02
C GLY A 250 -11.23 4.26 -8.92
N PHE A 251 -11.75 5.44 -8.56
CA PHE A 251 -11.65 6.64 -9.38
C PHE A 251 -10.22 6.96 -9.80
N PHE A 252 -9.23 6.56 -8.99
CA PHE A 252 -7.85 7.01 -9.15
C PHE A 252 -7.11 6.24 -10.24
N ASN A 253 -7.62 5.08 -10.66
CA ASN A 253 -6.87 4.20 -11.54
C ASN A 253 -6.62 4.87 -12.88
N PHE A 254 -5.45 4.56 -13.45
CA PHE A 254 -5.16 4.87 -14.84
C PHE A 254 -6.28 4.36 -15.75
N GLY A 255 -6.78 5.24 -16.60
CA GLY A 255 -7.82 4.89 -17.55
C GLY A 255 -9.23 5.22 -17.11
N ARG A 256 -9.43 5.58 -15.83
CA ARG A 256 -10.73 5.98 -15.31
CA ARG A 256 -10.75 5.96 -15.37
C ARG A 256 -10.92 7.47 -15.50
N GLY A 257 -12.15 7.87 -15.83
CA GLY A 257 -12.39 9.27 -16.12
C GLY A 257 -11.67 9.62 -17.40
N ASP A 258 -10.93 10.71 -17.39
CA ASP A 258 -10.03 11.06 -18.49
C ASP A 258 -8.61 11.12 -17.96
N ASN A 259 -8.31 10.18 -17.06
CA ASN A 259 -7.09 10.17 -16.27
C ASN A 259 -6.92 11.45 -15.45
N LEU A 260 -8.01 12.19 -15.23
CA LEU A 260 -7.89 13.43 -14.47
C LEU A 260 -7.58 13.13 -13.00
N ALA A 261 -8.39 12.27 -12.37
CA ALA A 261 -8.10 11.86 -10.99
C ALA A 261 -6.76 11.13 -10.90
N TYR A 262 -6.47 10.28 -11.90
CA TYR A 262 -5.16 9.65 -11.97
C TYR A 262 -4.04 10.68 -11.87
N GLN A 263 -4.06 11.67 -12.76
CA GLN A 263 -3.04 12.72 -12.75
C GLN A 263 -3.04 13.51 -11.44
N LYS A 264 -4.23 13.79 -10.90
CA LYS A 264 -4.29 14.61 -9.70
C LYS A 264 -3.70 13.87 -8.50
N THR A 265 -4.00 12.58 -8.36
CA THR A 265 -3.46 11.82 -7.24
C THR A 265 -1.94 11.75 -7.35
N LEU A 266 -1.41 11.60 -8.57
CA LEU A 266 0.05 11.59 -8.74
C LEU A 266 0.65 12.93 -8.35
N GLU A 267 0.01 14.03 -8.74
CA GLU A 267 0.55 15.35 -8.41
CA GLU A 267 0.55 15.35 -8.39
C GLU A 267 0.51 15.58 -6.89
N LEU A 268 -0.59 15.17 -6.24
CA LEU A 268 -0.69 15.34 -4.79
C LEU A 268 0.26 14.38 -4.05
N ALA A 269 0.39 13.15 -4.54
CA ALA A 269 1.32 12.20 -3.92
C ALA A 269 2.76 12.69 -4.09
N ASP A 270 3.08 13.18 -5.28
CA ASP A 270 4.39 13.78 -5.51
C ASP A 270 4.65 14.90 -4.51
N GLU A 271 3.71 15.85 -4.41
CA GLU A 271 3.84 16.93 -3.45
C GLU A 271 4.07 16.40 -2.03
N PHE A 272 3.34 15.35 -1.66
CA PHE A 272 3.49 14.79 -0.32
C PHE A 272 4.91 14.29 -0.10
N LEU A 273 5.46 13.57 -1.09
CA LEU A 273 6.80 13.04 -0.97
C LEU A 273 7.86 14.14 -0.95
N VAL A 274 7.63 15.25 -1.66
CA VAL A 274 8.58 16.37 -1.57
C VAL A 274 8.49 17.01 -0.19
N GLU A 275 7.27 17.19 0.31
CA GLU A 275 7.03 17.71 1.65
C GLU A 275 7.77 16.95 2.74
N ILE A 276 7.72 15.62 2.73
CA ILE A 276 8.36 14.86 3.82
C ILE A 276 9.84 14.57 3.54
N GLY A 277 10.40 15.09 2.46
CA GLY A 277 11.83 15.01 2.22
C GLY A 277 12.30 13.81 1.42
N PHE A 278 11.38 13.02 0.87
CA PHE A 278 11.72 11.80 0.14
C PHE A 278 11.99 12.06 -1.33
N LEU A 279 11.66 13.24 -1.82
CA LEU A 279 11.75 13.56 -3.25
C LEU A 279 12.15 15.01 -3.40
N ALA A 280 12.99 15.30 -4.42
CA ALA A 280 13.31 16.68 -4.71
C ALA A 280 12.22 17.30 -5.58
N PRO A 281 12.01 18.62 -5.49
CA PRO A 281 11.04 19.27 -6.37
C PRO A 281 11.37 19.05 -7.84
N LYS A 282 10.34 19.19 -8.68
CA LYS A 282 10.48 19.08 -10.11
C LYS A 282 11.24 20.28 -10.68
C1 EOH B . -9.00 -0.31 -6.82
C2 EOH B . -7.86 -1.01 -6.08
O EOH B . -9.92 0.35 -5.96
#